data_3KDW
#
_entry.id   3KDW
#
_cell.length_a   75.303
_cell.length_b   75.303
_cell.length_c   87.128
_cell.angle_alpha   90.00
_cell.angle_beta   90.00
_cell.angle_gamma   120.00
#
_symmetry.space_group_name_H-M   'P 31 2 1'
#
loop_
_entity.id
_entity.type
_entity.pdbx_description
1 polymer 'Putative sugar binding protein'
2 non-polymer 'CHLORIDE ION'
3 non-polymer (4S)-2-METHYL-2,4-PENTANEDIOL
4 non-polymer (4R)-2-METHYLPENTANE-2,4-DIOL
5 non-polymer 'PHOSPHATE ION'
6 water water
#
_entity_poly.entity_id   1
_entity_poly.type   'polypeptide(L)'
_entity_poly.pdbx_seq_one_letter_code
;(MSE)GSDKIHHHHHHENLYFQGAVDLDREGRDPAYVESIVKRSQKIVDKLELTDTVAAREVTTIIANRYFKLNDIYETR
DAKVKLAKETLTGDAKQEAVKAAEAEKDAALYRTHFAFPADLSLYLDAKQIDAVKDG(MSE)TYGVV(MSE)VTYKATVD
(MSE)IPTLKEEEKAQI(MSE)AWLVEAREFA(MSE)DAENSNKKHAAFGKYKGRINNYLSKRGYDLVKERKAWYERIKA
RGGKI
;
_entity_poly.pdbx_strand_id   A
#
# COMPACT_ATOMS: atom_id res chain seq x y z
N ASN A 14 -20.98 -13.16 -8.51
CA ASN A 14 -21.17 -12.23 -7.35
C ASN A 14 -21.48 -10.78 -7.76
N LEU A 15 -22.74 -10.45 -7.99
CA LEU A 15 -23.11 -9.10 -8.45
C LEU A 15 -23.14 -8.12 -7.28
N TYR A 16 -22.41 -7.03 -7.39
CA TYR A 16 -22.41 -6.01 -6.36
C TYR A 16 -23.66 -5.15 -6.47
N PHE A 17 -24.24 -4.81 -5.32
CA PHE A 17 -25.22 -3.76 -5.24
C PHE A 17 -24.92 -2.94 -4.02
N GLN A 18 -25.08 -1.63 -4.10
CA GLN A 18 -24.76 -0.84 -2.88
CA GLN A 18 -24.93 -0.69 -3.00
C GLN A 18 -25.81 -1.12 -1.82
N GLY A 19 -25.38 -0.86 -0.59
CA GLY A 19 -26.22 -0.96 0.58
C GLY A 19 -26.45 0.45 1.12
N ALA A 20 -26.35 0.56 2.44
CA ALA A 20 -26.61 1.81 3.15
C ALA A 20 -25.56 2.84 2.86
N VAL A 21 -24.31 2.41 2.63
CA VAL A 21 -23.23 3.34 2.28
C VAL A 21 -23.38 3.69 0.81
N ASP A 22 -23.52 4.98 0.52
CA ASP A 22 -23.62 5.39 -0.90
C ASP A 22 -22.30 5.22 -1.64
N LEU A 23 -22.33 4.59 -2.82
CA LEU A 23 -21.17 4.54 -3.71
C LEU A 23 -21.01 5.94 -4.33
N ASP A 24 -19.79 6.48 -4.27
CA ASP A 24 -19.47 7.83 -4.77
C ASP A 24 -19.26 7.79 -6.29
N ARG A 25 -20.36 7.55 -6.99
CA ARG A 25 -20.33 7.26 -8.42
C ARG A 25 -20.59 8.48 -9.30
N GLU A 26 -21.18 9.53 -8.75
CA GLU A 26 -21.70 10.63 -9.58
C GLU A 26 -20.60 11.37 -10.30
N GLY A 27 -20.78 11.54 -11.60
CA GLY A 27 -19.83 12.28 -12.39
C GLY A 27 -18.61 11.48 -12.78
N ARG A 28 -18.54 10.21 -12.39
CA ARG A 28 -17.39 9.39 -12.73
C ARG A 28 -17.66 8.54 -13.97
N ASP A 29 -16.61 8.28 -14.75
CA ASP A 29 -16.72 7.40 -15.90
C ASP A 29 -17.23 6.03 -15.46
N PRO A 30 -18.34 5.53 -16.06
CA PRO A 30 -18.86 4.23 -15.60
C PRO A 30 -17.90 3.05 -15.70
N ALA A 31 -17.05 3.00 -16.73
CA ALA A 31 -16.09 1.88 -16.83
C ALA A 31 -15.07 1.93 -15.68
N TYR A 32 -14.66 3.12 -15.31
CA TYR A 32 -13.72 3.31 -14.18
C TYR A 32 -14.40 2.88 -12.90
N VAL A 33 -15.64 3.31 -12.71
CA VAL A 33 -16.39 2.91 -11.53
C VAL A 33 -16.48 1.40 -11.45
N GLU A 34 -16.83 0.75 -12.57
CA GLU A 34 -16.98 -0.69 -12.57
C GLU A 34 -15.64 -1.37 -12.25
N SER A 35 -14.53 -0.83 -12.80
CA SER A 35 -13.21 -1.42 -12.55
CA SER A 35 -13.21 -1.41 -12.54
C SER A 35 -12.83 -1.35 -11.06
N ILE A 36 -13.11 -0.24 -10.43
CA ILE A 36 -12.81 -0.04 -8.99
C ILE A 36 -13.70 -0.93 -8.12
N VAL A 37 -15.00 -1.00 -8.43
CA VAL A 37 -15.89 -1.90 -7.71
C VAL A 37 -15.45 -3.35 -7.82
N LYS A 38 -15.05 -3.80 -9.02
CA LYS A 38 -14.58 -5.17 -9.20
CA LYS A 38 -14.57 -5.18 -9.18
C LYS A 38 -13.29 -5.44 -8.39
N ARG A 39 -12.37 -4.47 -8.40
CA ARG A 39 -11.13 -4.57 -7.60
C ARG A 39 -11.45 -4.71 -6.12
N SER A 40 -12.37 -3.87 -5.68
CA SER A 40 -12.79 -3.85 -4.29
C SER A 40 -13.50 -5.17 -3.91
N GLN A 41 -14.36 -5.66 -4.78
CA GLN A 41 -15.04 -6.93 -4.53
C GLN A 41 -14.02 -8.05 -4.36
N LYS A 42 -12.97 -8.04 -5.19
CA LYS A 42 -11.96 -9.08 -5.10
C LYS A 42 -11.22 -9.08 -3.77
N ILE A 43 -10.95 -7.90 -3.22
CA ILE A 43 -10.35 -7.79 -1.89
C ILE A 43 -11.30 -8.36 -0.86
N VAL A 44 -12.57 -7.98 -0.93
CA VAL A 44 -13.56 -8.41 0.08
C VAL A 44 -13.78 -9.92 0.02
N ASP A 45 -13.73 -10.49 -1.17
CA ASP A 45 -13.87 -11.96 -1.32
C ASP A 45 -12.89 -12.72 -0.47
N LYS A 46 -11.67 -12.22 -0.37
CA LYS A 46 -10.61 -12.89 0.37
C LYS A 46 -10.84 -12.85 1.89
N LEU A 47 -11.72 -11.96 2.36
CA LEU A 47 -12.10 -11.91 3.76
C LEU A 47 -13.03 -13.06 4.16
N GLU A 48 -13.70 -13.67 3.20
CA GLU A 48 -14.65 -14.76 3.48
C GLU A 48 -15.68 -14.35 4.54
N LEU A 49 -16.26 -13.16 4.36
CA LEU A 49 -17.33 -12.69 5.25
C LEU A 49 -18.58 -13.56 5.11
N THR A 50 -19.36 -13.67 6.18
CA THR A 50 -20.55 -14.46 6.16
C THR A 50 -21.83 -13.60 6.18
N ASP A 51 -21.69 -12.27 6.25
CA ASP A 51 -22.83 -11.34 6.26
C ASP A 51 -22.78 -10.67 4.88
N THR A 52 -23.74 -11.04 4.01
CA THR A 52 -23.64 -10.58 2.60
C THR A 52 -23.91 -9.05 2.51
N VAL A 53 -24.72 -8.49 3.41
CA VAL A 53 -24.90 -7.05 3.43
C VAL A 53 -23.62 -6.33 3.88
N ALA A 54 -23.00 -6.82 4.94
CA ALA A 54 -21.70 -6.26 5.38
C ALA A 54 -20.67 -6.28 4.24
N ALA A 55 -20.59 -7.38 3.50
CA ALA A 55 -19.69 -7.49 2.37
C ALA A 55 -19.92 -6.39 1.32
N ARG A 56 -21.17 -6.13 0.99
CA ARG A 56 -21.49 -5.00 0.10
C ARG A 56 -21.02 -3.67 0.68
N GLU A 57 -21.28 -3.44 1.96
CA GLU A 57 -20.88 -2.15 2.59
C GLU A 57 -19.36 -1.96 2.54
N VAL A 58 -18.64 -3.01 2.91
CA VAL A 58 -17.16 -2.95 2.87
C VAL A 58 -16.66 -2.74 1.45
N THR A 59 -17.26 -3.43 0.48
CA THR A 59 -16.94 -3.20 -0.92
C THR A 59 -17.05 -1.68 -1.29
N THR A 60 -18.16 -1.06 -0.91
CA THR A 60 -18.41 0.34 -1.20
C THR A 60 -17.39 1.26 -0.50
N ILE A 61 -17.09 0.96 0.76
CA ILE A 61 -16.14 1.76 1.56
C ILE A 61 -14.77 1.75 0.88
N ILE A 62 -14.33 0.56 0.46
CA ILE A 62 -13.02 0.42 -0.24
C ILE A 62 -13.06 1.15 -1.55
N ALA A 63 -14.13 0.94 -2.33
CA ALA A 63 -14.22 1.62 -3.63
C ALA A 63 -14.16 3.15 -3.49
N ASN A 64 -14.89 3.66 -2.51
CA ASN A 64 -14.96 5.09 -2.26
C ASN A 64 -13.60 5.64 -1.87
N ARG A 65 -12.81 4.85 -1.17
CA ARG A 65 -11.45 5.27 -0.79
C ARG A 65 -10.56 5.31 -2.04
N TYR A 66 -10.62 4.30 -2.91
CA TYR A 66 -9.95 4.39 -4.23
C TYR A 66 -10.34 5.65 -4.97
N PHE A 67 -11.63 5.96 -5.02
CA PHE A 67 -12.08 7.13 -5.74
C PHE A 67 -11.55 8.43 -5.14
N LYS A 68 -11.57 8.54 -3.82
CA LYS A 68 -11.08 9.76 -3.18
C LYS A 68 -9.57 9.93 -3.37
N LEU A 69 -8.79 8.85 -3.27
CA LEU A 69 -7.39 8.91 -3.55
C LEU A 69 -7.17 9.41 -4.98
N ASN A 70 -7.91 8.84 -5.94
CA ASN A 70 -7.88 9.31 -7.32
C ASN A 70 -8.05 10.80 -7.42
N ASP A 71 -9.07 11.33 -6.77
CA ASP A 71 -9.34 12.77 -6.79
C ASP A 71 -8.17 13.61 -6.18
N ILE A 72 -7.60 13.13 -5.10
CA ILE A 72 -6.45 13.78 -4.46
C ILE A 72 -5.28 13.87 -5.42
N TYR A 73 -4.99 12.77 -6.12
CA TYR A 73 -3.89 12.75 -7.05
C TYR A 73 -4.21 13.58 -8.31
N GLU A 74 -5.47 13.63 -8.73
CA GLU A 74 -5.84 14.48 -9.86
C GLU A 74 -5.57 15.95 -9.51
N THR A 75 -5.91 16.33 -8.26
CA THR A 75 -5.69 17.70 -7.80
C THR A 75 -4.20 18.06 -7.82
N ARG A 76 -3.40 17.11 -7.32
CA ARG A 76 -1.97 17.29 -7.24
C ARG A 76 -1.40 17.44 -8.65
N ASP A 77 -1.84 16.57 -9.55
CA ASP A 77 -1.34 16.61 -10.92
C ASP A 77 -1.70 17.90 -11.65
N ALA A 78 -2.90 18.43 -11.41
CA ALA A 78 -3.28 19.71 -12.02
C ALA A 78 -2.37 20.86 -11.57
N LYS A 79 -1.99 20.88 -10.30
CA LYS A 79 -1.08 21.87 -9.77
C LYS A 79 0.33 21.74 -10.38
N VAL A 80 0.79 20.49 -10.52
CA VAL A 80 2.11 20.26 -11.10
C VAL A 80 2.09 20.61 -12.61
N LYS A 81 1.00 20.30 -13.29
CA LYS A 81 0.88 20.67 -14.71
C LYS A 81 0.97 22.20 -14.85
N LEU A 82 0.25 22.92 -14.00
CA LEU A 82 0.27 24.40 -14.03
CA LEU A 82 0.28 24.40 -14.03
C LEU A 82 1.68 24.93 -13.75
N ALA A 83 2.41 24.28 -12.84
CA ALA A 83 3.80 24.65 -12.57
C ALA A 83 4.71 24.39 -13.80
N LYS A 84 4.57 23.23 -14.45
CA LYS A 84 5.36 22.93 -15.64
C LYS A 84 5.13 23.95 -16.76
N GLU A 85 3.89 24.37 -16.92
CA GLU A 85 3.49 25.34 -17.94
CA GLU A 85 3.65 25.31 -18.00
C GLU A 85 3.93 26.78 -17.66
N THR A 86 4.11 27.11 -16.39
CA THR A 86 4.34 28.51 -15.99
C THR A 86 5.67 28.87 -15.30
N LEU A 87 6.41 27.88 -14.80
CA LEU A 87 7.55 28.13 -13.91
C LEU A 87 8.74 27.32 -14.33
N THR A 88 9.91 27.76 -13.87
CA THR A 88 11.15 27.05 -14.08
C THR A 88 12.01 27.13 -12.82
N GLY A 89 13.03 26.27 -12.78
CA GLY A 89 14.08 26.32 -11.73
C GLY A 89 13.55 26.15 -10.32
N ASP A 90 14.04 26.96 -9.40
CA ASP A 90 13.64 26.88 -7.99
C ASP A 90 12.14 27.14 -7.77
N ALA A 91 11.59 28.13 -8.48
CA ALA A 91 10.16 28.42 -8.40
C ALA A 91 9.34 27.17 -8.76
N LYS A 92 9.74 26.47 -9.82
CA LYS A 92 9.03 25.26 -10.22
C LYS A 92 9.15 24.20 -9.13
N GLN A 93 10.38 23.97 -8.63
CA GLN A 93 10.55 22.96 -7.57
C GLN A 93 9.75 23.31 -6.33
N GLU A 94 9.68 24.60 -5.99
CA GLU A 94 8.89 24.99 -4.82
C GLU A 94 7.39 24.73 -5.01
N ALA A 95 6.86 24.98 -6.21
CA ALA A 95 5.45 24.68 -6.49
C ALA A 95 5.16 23.19 -6.46
N VAL A 96 6.11 22.39 -6.93
CA VAL A 96 5.93 20.92 -6.89
C VAL A 96 5.94 20.48 -5.41
N LYS A 97 6.87 21.01 -4.63
CA LYS A 97 6.94 20.70 -3.19
C LYS A 97 5.63 21.06 -2.51
N ALA A 98 5.08 22.23 -2.84
CA ALA A 98 3.84 22.67 -2.21
C ALA A 98 2.69 21.78 -2.60
N ALA A 99 2.66 21.36 -3.87
CA ALA A 99 1.59 20.44 -4.29
C ALA A 99 1.71 19.10 -3.58
N GLU A 100 2.92 18.61 -3.37
CA GLU A 100 3.11 17.34 -2.65
CA GLU A 100 3.14 17.33 -2.66
C GLU A 100 2.72 17.44 -1.17
N ALA A 101 3.00 18.58 -0.54
CA ALA A 101 2.59 18.81 0.84
C ALA A 101 1.05 18.86 0.91
N GLU A 102 0.42 19.52 -0.03
CA GLU A 102 -1.03 19.62 -0.06
CA GLU A 102 -1.06 19.61 -0.06
C GLU A 102 -1.65 18.23 -0.26
N LYS A 103 -1.01 17.40 -1.08
CA LYS A 103 -1.44 16.02 -1.30
C LYS A 103 -1.32 15.22 -0.01
N ASP A 104 -0.17 15.32 0.67
CA ASP A 104 0.02 14.59 1.92
C ASP A 104 -0.95 15.07 3.00
N ALA A 105 -1.23 16.38 2.99
CA ALA A 105 -2.26 16.92 3.89
C ALA A 105 -3.63 16.30 3.66
N ALA A 106 -4.03 16.15 2.40
CA ALA A 106 -5.32 15.58 2.03
C ALA A 106 -5.34 14.10 2.46
N LEU A 107 -4.22 13.39 2.29
CA LEU A 107 -4.10 12.02 2.77
C LEU A 107 -4.28 11.95 4.29
N TYR A 108 -3.61 12.83 5.00
CA TYR A 108 -3.72 12.85 6.47
C TYR A 108 -5.14 13.06 6.94
N ARG A 109 -5.78 14.03 6.32
CA ARG A 109 -7.09 14.46 6.71
C ARG A 109 -8.13 13.36 6.50
N THR A 110 -7.92 12.47 5.53
CA THR A 110 -8.85 11.43 5.19
C THR A 110 -8.44 10.00 5.63
N HIS A 111 -7.22 9.83 6.13
CA HIS A 111 -6.67 8.49 6.33
C HIS A 111 -7.43 7.76 7.43
N PHE A 112 -7.74 8.45 8.50
CA PHE A 112 -8.28 7.78 9.69
C PHE A 112 -9.73 7.39 9.58
N ALA A 113 -10.48 8.09 8.74
CA ALA A 113 -11.87 7.77 8.56
C ALA A 113 -12.09 6.41 7.89
N PHE A 114 -11.10 5.98 7.11
CA PHE A 114 -11.21 4.74 6.35
C PHE A 114 -11.29 3.51 7.29
N PRO A 115 -10.33 3.34 8.20
CA PRO A 115 -10.51 2.20 9.12
C PRO A 115 -11.63 2.45 10.10
N ALA A 116 -11.92 3.71 10.44
CA ALA A 116 -13.11 3.99 11.25
C ALA A 116 -14.38 3.42 10.62
N ASP A 117 -14.58 3.72 9.35
CA ASP A 117 -15.76 3.22 8.60
C ASP A 117 -15.71 1.70 8.49
N LEU A 118 -14.54 1.13 8.20
CA LEU A 118 -14.42 -0.32 8.06
C LEU A 118 -14.77 -1.02 9.37
N SER A 119 -14.43 -0.38 10.48
CA SER A 119 -14.61 -0.98 11.81
C SER A 119 -16.04 -1.19 12.23
N LEU A 120 -16.99 -0.58 11.50
CA LEU A 120 -18.39 -0.82 11.74
C LEU A 120 -18.81 -2.24 11.29
N TYR A 121 -18.03 -2.84 10.40
CA TYR A 121 -18.25 -4.16 9.81
C TYR A 121 -17.19 -5.19 10.06
N LEU A 122 -15.95 -4.75 10.31
CA LEU A 122 -14.78 -5.65 10.32
C LEU A 122 -14.01 -5.51 11.64
N ASP A 123 -13.40 -6.60 12.09
CA ASP A 123 -12.50 -6.56 13.23
C ASP A 123 -11.10 -6.16 12.81
N ALA A 124 -10.20 -6.02 13.80
CA ALA A 124 -8.86 -5.52 13.50
C ALA A 124 -8.10 -6.37 12.47
N LYS A 125 -8.17 -7.68 12.62
CA LYS A 125 -7.56 -8.61 11.68
C LYS A 125 -8.07 -8.49 10.23
N GLN A 126 -9.39 -8.34 10.10
CA GLN A 126 -10.03 -8.17 8.80
C GLN A 126 -9.63 -6.83 8.18
N ILE A 127 -9.51 -5.79 9.00
CA ILE A 127 -9.09 -4.48 8.51
C ILE A 127 -7.66 -4.60 7.99
N ASP A 128 -6.79 -5.29 8.72
CA ASP A 128 -5.45 -5.53 8.19
C ASP A 128 -5.43 -6.26 6.88
N ALA A 129 -6.32 -7.24 6.72
CA ALA A 129 -6.45 -7.95 5.45
C ALA A 129 -6.92 -7.05 4.32
N VAL A 130 -7.80 -6.07 4.60
CA VAL A 130 -8.10 -5.07 3.60
C VAL A 130 -6.83 -4.26 3.20
N LYS A 131 -6.08 -3.79 4.22
CA LYS A 131 -4.85 -3.07 3.93
C LYS A 131 -3.90 -3.90 3.02
N ASP A 132 -3.78 -5.20 3.33
CA ASP A 132 -2.94 -6.09 2.55
C ASP A 132 -3.51 -6.24 1.13
N GLY A 133 -4.83 -6.36 1.01
CA GLY A 133 -5.48 -6.45 -0.28
C GLY A 133 -5.22 -5.24 -1.18
N THR A 135 -2.56 -3.52 -1.09
CA THR A 135 -1.12 -3.38 -1.24
C THR A 135 -0.42 -4.66 -1.67
N TYR A 136 -1.18 -5.50 -2.35
CA TYR A 136 -0.70 -6.74 -3.02
C TYR A 136 -0.07 -7.75 -2.06
N GLY A 137 -0.43 -7.69 -0.78
CA GLY A 137 0.18 -8.55 0.25
C GLY A 137 1.71 -8.50 0.33
N VAL A 138 2.30 -7.37 -0.04
CA VAL A 138 3.74 -7.19 0.00
C VAL A 138 4.32 -7.34 1.39
N VAL A 139 3.55 -7.00 2.44
CA VAL A 139 4.06 -7.14 3.80
C VAL A 139 4.45 -8.59 4.11
N VAL A 141 4.65 -11.26 2.02
CA VAL A 141 5.61 -11.78 1.05
C VAL A 141 7.03 -11.40 1.46
N THR A 142 7.21 -10.14 1.85
CA THR A 142 8.55 -9.63 2.14
C THR A 142 9.05 -10.19 3.47
N TYR A 143 8.15 -10.23 4.45
CA TYR A 143 8.49 -10.76 5.77
C TYR A 143 8.88 -12.24 5.66
N LYS A 144 8.03 -13.02 4.98
CA LYS A 144 8.34 -14.47 4.85
C LYS A 144 9.65 -14.72 4.12
N ALA A 145 9.90 -13.98 3.05
CA ALA A 145 11.13 -14.10 2.32
C ALA A 145 12.33 -13.76 3.16
N THR A 146 12.23 -12.69 3.95
CA THR A 146 13.36 -12.26 4.78
C THR A 146 13.72 -13.31 5.85
N VAL A 147 12.71 -13.89 6.49
CA VAL A 147 12.97 -14.92 7.51
CA VAL A 147 12.92 -14.94 7.50
C VAL A 147 13.39 -16.23 6.85
N ASP A 148 12.94 -16.47 5.61
CA ASP A 148 13.46 -17.65 4.87
C ASP A 148 14.92 -17.48 4.52
N ILE A 150 17.14 -15.55 6.19
CA ILE A 150 17.96 -15.50 7.41
C ILE A 150 17.16 -16.17 8.55
N PRO A 151 17.15 -17.52 8.62
CA PRO A 151 16.25 -18.15 9.60
C PRO A 151 16.64 -17.96 11.07
N THR A 152 17.87 -17.54 11.34
CA THR A 152 18.28 -17.27 12.72
C THR A 152 18.19 -15.80 13.15
N LEU A 153 17.34 -15.02 12.49
CA LEU A 153 17.13 -13.65 12.93
C LEU A 153 16.68 -13.68 14.36
N LYS A 154 17.08 -12.68 15.12
CA LYS A 154 16.64 -12.53 16.49
CA LYS A 154 16.63 -12.56 16.49
C LYS A 154 15.19 -12.07 16.51
N GLU A 155 14.48 -12.41 17.59
CA GLU A 155 13.09 -11.95 17.70
C GLU A 155 12.96 -10.41 17.56
N GLU A 156 13.90 -9.66 18.11
CA GLU A 156 13.94 -8.20 18.05
CA GLU A 156 13.80 -8.21 18.03
C GLU A 156 14.02 -7.71 16.61
N GLU A 157 14.77 -8.46 15.82
CA GLU A 157 15.06 -8.09 14.43
C GLU A 157 13.83 -8.37 13.60
N LYS A 158 13.20 -9.50 13.86
CA LYS A 158 11.95 -9.81 13.20
C LYS A 158 10.86 -8.78 13.52
N ALA A 159 10.78 -8.41 14.79
CA ALA A 159 9.83 -7.41 15.20
C ALA A 159 10.04 -6.06 14.51
N GLN A 160 11.30 -5.63 14.40
CA GLN A 160 11.59 -4.38 13.76
C GLN A 160 11.27 -4.42 12.26
N ILE A 161 11.63 -5.54 11.62
CA ILE A 161 11.36 -5.73 10.19
C ILE A 161 9.83 -5.66 9.94
N ALA A 163 7.57 -4.26 11.85
CA ALA A 163 7.07 -2.91 12.16
C ALA A 163 7.29 -1.96 10.97
N TRP A 164 8.47 -2.03 10.39
CA TRP A 164 8.75 -1.23 9.21
C TRP A 164 7.89 -1.57 7.99
N LEU A 165 7.63 -2.86 7.78
CA LEU A 165 6.75 -3.27 6.69
C LEU A 165 5.28 -2.77 6.90
N VAL A 166 4.80 -2.85 8.15
CA VAL A 166 3.47 -2.37 8.48
C VAL A 166 3.38 -0.82 8.33
N GLU A 167 4.44 -0.12 8.70
CA GLU A 167 4.51 1.32 8.47
C GLU A 167 4.44 1.61 6.96
N ALA A 168 5.26 0.87 6.19
CA ALA A 168 5.27 1.03 4.72
C ALA A 168 3.87 0.84 4.12
N ARG A 169 3.16 -0.14 4.63
CA ARG A 169 1.83 -0.44 4.18
C ARG A 169 0.83 0.70 4.41
N GLU A 170 0.98 1.39 5.53
CA GLU A 170 0.12 2.53 5.85
C GLU A 170 0.28 3.65 4.81
N PHE A 171 1.47 3.86 4.29
CA PHE A 171 1.68 4.78 3.23
C PHE A 171 1.28 4.23 1.87
N ALA A 172 1.63 2.97 1.63
CA ALA A 172 1.33 2.36 0.34
C ALA A 172 -0.15 2.30 0.02
N ASP A 174 -2.34 4.37 0.58
CA ASP A 174 -2.75 5.67 0.13
C ASP A 174 -2.09 6.08 -1.20
N ALA A 175 -1.20 5.28 -1.76
CA ALA A 175 -0.47 5.66 -2.95
C ALA A 175 -1.31 5.58 -4.21
N GLU A 176 -0.82 6.18 -5.27
CA GLU A 176 -1.61 6.44 -6.45
C GLU A 176 -1.88 5.22 -7.32
N ASN A 177 -0.94 4.29 -7.37
CA ASN A 177 -0.95 3.21 -8.32
C ASN A 177 0.05 2.17 -7.90
N SER A 178 0.18 1.10 -8.68
CA SER A 178 1.07 -0.01 -8.35
CA SER A 178 1.07 0.00 -8.28
C SER A 178 2.54 0.41 -8.24
N ASN A 179 2.99 1.24 -9.19
CA ASN A 179 4.37 1.73 -9.20
CA ASN A 179 4.40 1.63 -9.13
C ASN A 179 4.72 2.47 -7.91
N LYS A 180 3.82 3.38 -7.51
CA LYS A 180 4.05 4.17 -6.33
C LYS A 180 3.91 3.31 -5.05
N LYS A 181 3.01 2.32 -5.04
CA LYS A 181 2.91 1.39 -3.90
C LYS A 181 4.20 0.61 -3.71
N HIS A 182 4.74 0.07 -4.79
CA HIS A 182 6.02 -0.68 -4.73
CA HIS A 182 6.00 -0.68 -4.68
C HIS A 182 7.17 0.23 -4.31
N ALA A 183 7.16 1.49 -4.75
CA ALA A 183 8.16 2.43 -4.26
C ALA A 183 8.13 2.69 -2.76
N ALA A 184 6.93 2.77 -2.21
CA ALA A 184 6.77 2.94 -0.77
C ALA A 184 7.36 1.73 -0.01
N PHE A 185 7.06 0.51 -0.43
CA PHE A 185 7.67 -0.66 0.18
C PHE A 185 9.16 -0.66 -0.05
N GLY A 186 9.59 -0.24 -1.26
CA GLY A 186 11.03 -0.26 -1.51
C GLY A 186 11.85 0.58 -0.57
N LYS A 187 11.35 1.76 -0.19
CA LYS A 187 12.02 2.57 0.79
C LYS A 187 12.31 1.76 2.07
N TYR A 188 11.27 1.10 2.59
CA TYR A 188 11.44 0.37 3.86
C TYR A 188 12.21 -0.93 3.66
N LYS A 189 12.15 -1.54 2.49
CA LYS A 189 13.07 -2.67 2.18
C LYS A 189 14.54 -2.23 2.19
N GLY A 190 14.81 -1.05 1.65
CA GLY A 190 16.14 -0.47 1.74
C GLY A 190 16.58 -0.27 3.18
N ARG A 191 15.68 0.23 4.00
CA ARG A 191 15.95 0.42 5.41
C ARG A 191 16.25 -0.92 6.10
N ILE A 192 15.47 -1.95 5.79
CA ILE A 192 15.68 -3.29 6.31
C ILE A 192 17.07 -3.82 5.90
N ASN A 193 17.44 -3.62 4.63
CA ASN A 193 18.71 -4.14 4.11
C ASN A 193 19.85 -3.50 4.88
N ASN A 194 19.80 -2.18 4.96
CA ASN A 194 20.81 -1.44 5.67
CA ASN A 194 20.79 -1.39 5.70
C ASN A 194 20.87 -1.83 7.15
N TYR A 195 19.72 -2.00 7.77
CA TYR A 195 19.63 -2.40 9.18
C TYR A 195 20.35 -3.74 9.42
N LEU A 196 20.08 -4.71 8.57
CA LEU A 196 20.69 -6.03 8.76
C LEU A 196 22.20 -6.00 8.54
N SER A 197 22.68 -5.26 7.58
CA SER A 197 24.11 -5.16 7.38
CA SER A 197 24.12 -5.10 7.37
C SER A 197 24.77 -4.47 8.58
N LYS A 198 24.14 -3.43 9.12
CA LYS A 198 24.71 -2.78 10.31
CA LYS A 198 24.62 -2.74 10.34
C LYS A 198 24.63 -3.68 11.55
N ARG A 199 23.75 -4.65 11.53
CA ARG A 199 23.71 -5.58 12.66
CA ARG A 199 23.54 -5.71 12.53
C ARG A 199 24.58 -6.82 12.50
N GLY A 200 25.47 -6.79 11.52
CA GLY A 200 26.49 -7.79 11.38
C GLY A 200 26.20 -8.93 10.44
N TYR A 201 25.05 -8.93 9.75
CA TYR A 201 24.75 -10.00 8.77
C TYR A 201 25.53 -9.73 7.47
N ASP A 202 26.09 -10.81 6.89
CA ASP A 202 26.75 -10.77 5.58
C ASP A 202 25.71 -11.11 4.54
N LEU A 203 25.07 -10.08 4.01
CA LEU A 203 23.92 -10.29 3.12
C LEU A 203 24.29 -11.02 1.82
N VAL A 204 25.49 -10.80 1.29
CA VAL A 204 25.93 -11.55 0.08
C VAL A 204 25.93 -13.04 0.41
N LYS A 205 26.57 -13.39 1.53
CA LYS A 205 26.65 -14.79 1.92
C LYS A 205 25.27 -15.38 2.26
N GLU A 206 24.43 -14.62 2.98
CA GLU A 206 23.14 -15.17 3.41
C GLU A 206 22.32 -15.43 2.15
N ARG A 207 22.37 -14.50 1.20
CA ARG A 207 21.53 -14.60 0.03
C ARG A 207 21.96 -15.78 -0.82
N LYS A 208 23.26 -15.97 -0.97
CA LYS A 208 23.81 -17.08 -1.76
CA LYS A 208 23.78 -17.08 -1.77
C LYS A 208 23.38 -18.42 -1.15
N ALA A 209 23.50 -18.53 0.18
CA ALA A 209 23.12 -19.78 0.86
C ALA A 209 21.62 -20.01 0.76
N TRP A 210 20.83 -18.94 0.84
CA TRP A 210 19.38 -19.06 0.64
C TRP A 210 19.02 -19.62 -0.73
N TYR A 211 19.61 -19.07 -1.78
CA TYR A 211 19.34 -19.59 -3.10
C TYR A 211 19.67 -21.07 -3.19
N GLU A 212 20.73 -21.51 -2.52
CA GLU A 212 21.07 -22.94 -2.52
CA GLU A 212 21.07 -22.94 -2.51
C GLU A 212 19.96 -23.74 -1.83
N ARG A 213 19.48 -23.26 -0.69
CA ARG A 213 18.40 -23.93 0.03
C ARG A 213 17.14 -23.99 -0.84
N ILE A 214 16.83 -22.92 -1.57
CA ILE A 214 15.62 -22.94 -2.42
C ILE A 214 15.75 -24.03 -3.48
N LYS A 215 16.93 -24.12 -4.09
CA LYS A 215 17.18 -25.17 -5.08
C LYS A 215 17.12 -26.56 -4.45
N ALA A 216 17.72 -26.73 -3.27
CA ALA A 216 17.72 -28.03 -2.63
C ALA A 216 16.30 -28.55 -2.33
N ARG A 217 15.36 -27.65 -2.02
CA ARG A 217 14.00 -28.06 -1.62
CA ARG A 217 14.01 -28.07 -1.63
C ARG A 217 13.06 -28.21 -2.83
N GLY A 218 13.57 -27.95 -4.04
CA GLY A 218 12.76 -28.03 -5.25
C GLY A 218 11.88 -26.79 -5.43
N GLY A 219 12.46 -25.62 -5.22
CA GLY A 219 11.81 -24.33 -5.50
C GLY A 219 12.46 -23.65 -6.70
#